data_1YCO
#
_entry.id   1YCO
#
_cell.length_a   61.165
_cell.length_b   61.165
_cell.length_c   317.995
_cell.angle_alpha   90.00
_cell.angle_beta   90.00
_cell.angle_gamma   90.00
#
_symmetry.space_group_name_H-M   'P 43 21 2'
#
loop_
_entity.id
_entity.type
_entity.pdbx_description
1 polymer 'branched-chain phosphotransacylase'
2 non-polymer 'PHOSPHATE ION'
3 water water
#
_entity_poly.entity_id   1
_entity_poly.type   'polypeptide(L)'
_entity_poly.pdbx_seq_one_letter_code
;MITVSIAGGSQPEILQLVKKALKEAEQPLQFIVFDTNENLDTENLWKYVHCSDEAAVAQEAVSLVATGQAQILLKGIIQT
HTLLKEMLKSEHQLKNKPILSHVAMVELPAGKTFLLTDCAMNIAPTQATLIEIVENAKEVAQKLGLHHPKIALLSAAENF
NPKMPSSVLAKEVTAHFNDQQEATVFGPLSLDLATSEEAVAHKRYSGPIMGDADILVVPTIDVGNCLYKSLTLFGHAKVG
GTIVGTKVPVVLTSRSDSTESKFHSLRFAMRQVHHHHHH
;
_entity_poly.pdbx_strand_id   A,B
#
loop_
_chem_comp.id
_chem_comp.type
_chem_comp.name
_chem_comp.formula
PO4 non-polymer 'PHOSPHATE ION' 'O4 P -3'
#
# COMPACT_ATOMS: atom_id res chain seq x y z
N MET A 1 -3.24 -7.29 37.30
CA MET A 1 -4.48 -6.55 36.99
C MET A 1 -4.14 -5.40 36.06
N ILE A 2 -4.96 -5.22 35.03
CA ILE A 2 -4.73 -4.17 34.05
C ILE A 2 -5.81 -3.09 34.08
N THR A 3 -5.39 -1.85 34.36
CA THR A 3 -6.31 -0.73 34.39
C THR A 3 -6.11 0.07 33.10
N VAL A 4 -7.20 0.49 32.48
CA VAL A 4 -7.13 1.28 31.25
C VAL A 4 -7.72 2.68 31.44
N SER A 5 -6.96 3.68 31.01
CA SER A 5 -7.38 5.08 31.12
C SER A 5 -7.91 5.53 29.75
N ILE A 6 -9.12 6.09 29.73
CA ILE A 6 -9.72 6.52 28.47
C ILE A 6 -10.01 8.01 28.43
N ALA A 7 -9.39 8.70 27.46
CA ALA A 7 -9.59 10.13 27.30
C ALA A 7 -10.80 10.39 26.40
N GLY A 8 -11.89 10.83 27.02
CA GLY A 8 -13.10 11.09 26.28
C GLY A 8 -13.79 9.78 25.94
N GLY A 9 -13.89 8.90 26.94
CA GLY A 9 -14.50 7.61 26.71
C GLY A 9 -15.96 7.46 27.11
N SER A 10 -16.57 8.53 27.61
CA SER A 10 -17.96 8.42 28.01
C SER A 10 -18.85 8.55 26.77
N GLN A 11 -18.75 7.57 25.88
CA GLN A 11 -19.52 7.56 24.64
C GLN A 11 -20.14 6.19 24.37
N PRO A 12 -21.35 6.16 23.78
CA PRO A 12 -21.97 4.86 23.51
C PRO A 12 -21.10 3.94 22.65
N GLU A 13 -20.21 4.56 21.88
CA GLU A 13 -19.29 3.80 21.03
C GLU A 13 -18.21 3.16 21.93
N ILE A 14 -17.70 3.92 22.88
CA ILE A 14 -16.70 3.40 23.80
C ILE A 14 -17.36 2.37 24.73
N LEU A 15 -18.61 2.62 25.11
CA LEU A 15 -19.33 1.72 26.00
C LEU A 15 -19.43 0.31 25.39
N GLN A 16 -19.68 0.25 24.10
CA GLN A 16 -19.79 -1.02 23.40
C GLN A 16 -18.46 -1.79 23.49
N LEU A 17 -17.34 -1.05 23.48
CA LEU A 17 -15.99 -1.63 23.58
C LEU A 17 -15.73 -2.21 24.95
N VAL A 18 -16.01 -1.40 25.97
CA VAL A 18 -15.82 -1.81 27.35
C VAL A 18 -16.61 -3.09 27.62
N LYS A 19 -17.90 -3.05 27.31
CA LYS A 19 -18.73 -4.23 27.53
C LYS A 19 -18.10 -5.47 26.88
N LYS A 20 -17.75 -5.34 25.61
CA LYS A 20 -17.14 -6.45 24.89
C LYS A 20 -15.87 -6.91 25.60
N ALA A 21 -14.99 -5.97 25.94
CA ALA A 21 -13.74 -6.28 26.61
C ALA A 21 -13.94 -6.96 27.94
N LEU A 22 -14.78 -6.39 28.81
CA LEU A 22 -15.01 -6.98 30.12
C LEU A 22 -15.63 -8.37 29.98
N LYS A 23 -16.41 -8.57 28.92
CA LYS A 23 -17.05 -9.87 28.69
C LYS A 23 -16.05 -10.95 28.28
N GLU A 24 -15.21 -10.65 27.30
CA GLU A 24 -14.20 -11.58 26.79
C GLU A 24 -12.94 -11.64 27.62
N ALA A 25 -12.80 -10.69 28.53
CA ALA A 25 -11.61 -10.60 29.39
C ALA A 25 -11.40 -11.84 30.24
N GLU A 26 -10.18 -12.36 30.23
CA GLU A 26 -9.90 -13.54 31.02
C GLU A 26 -9.27 -13.13 32.35
N GLN A 27 -8.31 -12.21 32.29
CA GLN A 27 -7.64 -11.74 33.50
C GLN A 27 -8.34 -10.47 33.96
N PRO A 28 -8.00 -9.98 35.18
CA PRO A 28 -8.60 -8.77 35.74
C PRO A 28 -8.40 -7.52 34.90
N LEU A 29 -9.50 -6.88 34.54
CA LEU A 29 -9.51 -5.66 33.74
C LEU A 29 -10.32 -4.58 34.43
N GLN A 30 -9.93 -3.32 34.23
CA GLN A 30 -10.64 -2.20 34.83
C GLN A 30 -10.57 -0.98 33.91
N PHE A 31 -11.65 -0.21 33.87
CA PHE A 31 -11.71 0.98 33.03
C PHE A 31 -12.02 2.25 33.81
N ILE A 32 -11.27 3.31 33.50
CA ILE A 32 -11.44 4.60 34.14
C ILE A 32 -11.58 5.59 33.00
N VAL A 33 -12.79 6.10 32.82
CA VAL A 33 -13.08 7.03 31.75
C VAL A 33 -13.20 8.49 32.17
N PHE A 34 -12.60 9.38 31.38
CA PHE A 34 -12.66 10.81 31.63
C PHE A 34 -13.35 11.46 30.45
N ASP A 35 -14.28 12.37 30.70
CA ASP A 35 -14.96 13.02 29.59
C ASP A 35 -15.71 14.28 30.04
N THR A 36 -15.91 15.20 29.11
CA THR A 36 -16.64 16.42 29.41
C THR A 36 -18.12 16.11 29.22
N ASN A 37 -18.41 15.01 28.53
CA ASN A 37 -19.79 14.59 28.27
C ASN A 37 -20.34 13.85 29.49
N GLU A 38 -21.64 13.90 29.71
CA GLU A 38 -22.23 13.22 30.87
C GLU A 38 -21.96 11.72 30.82
N ASN A 39 -22.14 11.06 31.96
CA ASN A 39 -21.92 9.63 32.07
C ASN A 39 -23.03 8.80 31.43
N LEU A 40 -22.64 7.72 30.76
CA LEU A 40 -23.60 6.83 30.10
C LEU A 40 -23.58 5.45 30.76
N ASP A 41 -22.78 5.33 31.80
CA ASP A 41 -22.64 4.10 32.55
C ASP A 41 -23.80 3.93 33.54
N THR A 42 -24.53 2.83 33.38
CA THR A 42 -25.68 2.47 34.23
C THR A 42 -25.39 1.17 34.97
N GLU A 43 -24.67 0.25 34.31
CA GLU A 43 -24.33 -1.04 34.89
C GLU A 43 -23.07 -0.91 35.74
N ASN A 44 -22.68 0.32 36.06
CA ASN A 44 -21.50 0.56 36.86
C ASN A 44 -20.22 -0.08 36.30
N LEU A 45 -20.18 -0.30 34.99
CA LEU A 45 -19.02 -0.90 34.33
C LEU A 45 -17.72 -0.15 34.72
N TRP A 46 -17.41 0.91 33.99
CA TRP A 46 -16.21 1.70 34.26
C TRP A 46 -16.39 2.64 35.45
N LYS A 47 -15.36 3.45 35.71
CA LYS A 47 -15.34 4.45 36.76
C LYS A 47 -15.35 5.82 36.09
N TYR A 48 -16.55 6.38 35.91
CA TYR A 48 -16.72 7.69 35.27
C TYR A 48 -16.09 8.85 36.06
N VAL A 49 -15.52 9.81 35.35
CA VAL A 49 -14.91 10.98 35.98
C VAL A 49 -15.10 12.21 35.08
N HIS A 50 -15.96 13.15 35.50
CA HIS A 50 -16.22 14.35 34.72
C HIS A 50 -15.04 15.32 34.73
N CYS A 51 -14.93 16.13 33.69
CA CYS A 51 -13.86 17.11 33.55
C CYS A 51 -14.37 18.43 32.94
N SER A 52 -13.71 19.53 33.24
CA SER A 52 -14.10 20.87 32.75
C SER A 52 -14.09 21.02 31.23
N ASP A 53 -12.97 20.63 30.62
CA ASP A 53 -12.78 20.71 29.17
C ASP A 53 -11.88 19.58 28.67
N GLU A 54 -11.68 19.55 27.36
CA GLU A 54 -10.85 18.53 26.71
C GLU A 54 -9.42 18.54 27.24
N ALA A 55 -8.84 19.74 27.37
CA ALA A 55 -7.48 19.87 27.87
C ALA A 55 -7.39 19.21 29.24
N ALA A 56 -8.47 19.32 30.01
CA ALA A 56 -8.54 18.73 31.34
C ALA A 56 -8.64 17.20 31.21
N VAL A 57 -9.55 16.74 30.35
CA VAL A 57 -9.78 15.32 30.10
C VAL A 57 -8.48 14.61 29.76
N ALA A 58 -7.76 15.18 28.80
CA ALA A 58 -6.48 14.65 28.35
C ALA A 58 -5.47 14.65 29.48
N GLN A 59 -5.32 15.80 30.15
CA GLN A 59 -4.34 15.89 31.23
C GLN A 59 -4.58 14.85 32.31
N GLU A 60 -5.85 14.65 32.67
CA GLU A 60 -6.20 13.68 33.69
C GLU A 60 -6.03 12.23 33.26
N ALA A 61 -6.27 11.95 31.98
CA ALA A 61 -6.11 10.62 31.43
C ALA A 61 -4.64 10.22 31.40
N VAL A 62 -3.82 11.14 30.88
CA VAL A 62 -2.37 10.95 30.75
C VAL A 62 -1.72 10.87 32.13
N SER A 63 -2.29 11.57 33.09
CA SER A 63 -1.74 11.59 34.45
C SER A 63 -1.81 10.20 35.08
N LEU A 64 -2.98 9.57 34.93
CA LEU A 64 -3.22 8.24 35.48
C LEU A 64 -2.21 7.21 34.94
N VAL A 65 -1.69 7.47 33.74
CA VAL A 65 -0.71 6.60 33.11
C VAL A 65 0.70 7.00 33.53
N ALA A 66 0.91 8.30 33.77
CA ALA A 66 2.21 8.83 34.18
C ALA A 66 2.90 7.85 35.13
N THR A 67 2.12 7.18 35.98
CA THR A 67 2.67 6.18 36.90
C THR A 67 2.00 4.84 36.67
N GLY A 68 2.37 3.83 37.45
CA GLY A 68 1.79 2.51 37.29
C GLY A 68 0.31 2.49 37.65
N GLN A 69 -0.32 3.66 37.66
CA GLN A 69 -1.73 3.76 37.99
C GLN A 69 -2.53 3.10 36.87
N ALA A 70 -2.12 3.34 35.63
CA ALA A 70 -2.76 2.75 34.47
C ALA A 70 -1.65 2.15 33.62
N GLN A 71 -1.95 1.05 32.94
CA GLN A 71 -0.99 0.34 32.09
C GLN A 71 -1.22 0.55 30.61
N ILE A 72 -2.37 1.13 30.25
CA ILE A 72 -2.67 1.37 28.86
C ILE A 72 -3.46 2.67 28.71
N LEU A 73 -3.12 3.47 27.72
CA LEU A 73 -3.81 4.70 27.46
C LEU A 73 -4.63 4.50 26.18
N LEU A 74 -5.87 4.98 26.19
CA LEU A 74 -6.75 4.84 25.04
C LEU A 74 -7.48 6.14 24.73
N LYS A 75 -7.37 6.58 23.49
CA LYS A 75 -7.99 7.81 23.05
C LYS A 75 -9.44 7.65 22.58
N GLY A 76 -10.38 8.09 23.42
CA GLY A 76 -11.79 8.01 23.07
C GLY A 76 -12.09 9.13 22.10
N ILE A 77 -13.08 9.96 22.43
CA ILE A 77 -13.43 11.08 21.55
C ILE A 77 -12.73 12.36 22.05
N ILE A 78 -11.63 12.72 21.39
CA ILE A 78 -10.87 13.90 21.74
C ILE A 78 -9.80 14.12 20.66
N GLN A 79 -9.47 15.38 20.38
CA GLN A 79 -8.47 15.69 19.38
C GLN A 79 -7.15 14.98 19.67
N THR A 80 -6.61 14.32 18.66
CA THR A 80 -5.36 13.59 18.77
C THR A 80 -4.22 14.54 19.17
N HIS A 81 -4.21 15.72 18.57
CA HIS A 81 -3.18 16.71 18.87
C HIS A 81 -3.24 17.07 20.37
N THR A 82 -4.45 17.25 20.89
CA THR A 82 -4.65 17.61 22.30
C THR A 82 -4.05 16.58 23.25
N LEU A 83 -4.38 15.30 23.05
CA LEU A 83 -3.89 14.22 23.89
C LEU A 83 -2.40 13.98 23.67
N LEU A 84 -1.99 14.00 22.41
CA LEU A 84 -0.60 13.76 22.05
C LEU A 84 0.31 14.80 22.69
N LYS A 85 -0.02 16.07 22.48
CA LYS A 85 0.76 17.15 23.06
C LYS A 85 0.74 16.99 24.58
N GLU A 86 -0.37 16.46 25.08
CA GLU A 86 -0.56 16.25 26.50
C GLU A 86 0.36 15.17 27.08
N MET A 87 0.48 14.04 26.40
CA MET A 87 1.33 12.94 26.89
C MET A 87 2.84 13.18 26.65
N LEU A 88 3.16 14.19 25.84
CA LEU A 88 4.55 14.52 25.56
C LEU A 88 5.11 15.65 26.43
N LYS A 89 4.44 15.97 27.53
CA LYS A 89 4.93 17.03 28.42
C LYS A 89 5.92 16.47 29.43
N SER A 90 6.99 17.22 29.71
CA SER A 90 8.02 16.80 30.65
C SER A 90 7.50 16.40 32.04
N GLU A 91 6.45 17.08 32.51
CA GLU A 91 5.88 16.80 33.82
C GLU A 91 5.48 15.34 33.99
N HIS A 92 5.09 14.70 32.89
CA HIS A 92 4.65 13.29 32.92
C HIS A 92 5.76 12.28 32.73
N GLN A 93 6.73 12.59 31.88
CA GLN A 93 7.87 11.69 31.63
C GLN A 93 7.47 10.31 31.08
N LEU A 94 6.43 10.24 30.26
CA LEU A 94 6.00 8.96 29.70
C LEU A 94 6.94 8.36 28.67
N LYS A 95 7.36 9.20 27.72
CA LYS A 95 8.27 8.77 26.66
C LYS A 95 9.52 8.19 27.31
N ASN A 96 9.96 7.04 26.82
CA ASN A 96 11.14 6.38 27.39
C ASN A 96 11.94 5.65 26.32
N LYS A 97 11.81 6.10 25.07
CA LYS A 97 12.54 5.52 23.95
C LYS A 97 12.96 6.69 23.08
N PRO A 98 14.13 6.59 22.42
CA PRO A 98 14.63 7.65 21.55
C PRO A 98 13.54 8.38 20.76
N ILE A 99 12.61 7.60 20.19
CA ILE A 99 11.52 8.17 19.42
C ILE A 99 10.23 7.36 19.57
N LEU A 100 9.10 7.98 19.22
CA LEU A 100 7.82 7.28 19.25
C LEU A 100 7.54 6.76 17.85
N SER A 101 6.85 5.64 17.76
CA SER A 101 6.52 5.06 16.48
C SER A 101 5.16 4.37 16.62
N HIS A 102 4.61 3.92 15.51
CA HIS A 102 3.36 3.21 15.58
C HIS A 102 3.66 1.83 15.04
N VAL A 103 3.09 0.85 15.72
CA VAL A 103 3.27 -0.53 15.35
C VAL A 103 1.91 -1.22 15.34
N ALA A 104 1.66 -2.00 14.30
CA ALA A 104 0.42 -2.72 14.15
C ALA A 104 0.66 -4.21 14.07
N MET A 105 -0.31 -4.98 14.56
CA MET A 105 -0.22 -6.44 14.48
C MET A 105 -1.26 -6.85 13.44
N VAL A 106 -0.83 -7.63 12.48
CA VAL A 106 -1.69 -8.10 11.38
C VAL A 106 -1.87 -9.63 11.37
N GLU A 107 -3.12 -10.08 11.30
CA GLU A 107 -3.41 -11.50 11.26
C GLU A 107 -4.18 -11.82 9.99
N LEU A 108 -3.57 -12.62 9.12
CA LEU A 108 -4.19 -13.01 7.86
C LEU A 108 -5.10 -14.23 8.01
N PRO A 109 -6.04 -14.41 7.07
CA PRO A 109 -7.03 -15.50 7.02
C PRO A 109 -6.59 -16.86 7.56
N ALA A 110 -5.61 -17.48 6.92
CA ALA A 110 -5.12 -18.77 7.38
C ALA A 110 -4.50 -18.56 8.75
N GLY A 111 -3.19 -18.35 8.80
CA GLY A 111 -2.55 -18.12 10.08
C GLY A 111 -1.39 -17.13 10.03
N LYS A 112 -1.04 -16.69 8.82
CA LYS A 112 0.04 -15.75 8.62
C LYS A 112 -0.11 -14.49 9.48
N THR A 113 0.92 -14.24 10.28
CA THR A 113 0.92 -13.10 11.16
C THR A 113 2.21 -12.31 11.09
N PHE A 114 2.11 -11.00 11.33
CA PHE A 114 3.29 -10.15 11.30
C PHE A 114 3.02 -8.73 11.78
N LEU A 115 4.09 -8.06 12.17
CA LEU A 115 3.97 -6.69 12.63
C LEU A 115 4.25 -5.77 11.45
N LEU A 116 3.55 -4.65 11.42
CA LEU A 116 3.70 -3.64 10.39
C LEU A 116 4.06 -2.36 11.13
N THR A 117 5.09 -1.67 10.67
CA THR A 117 5.39 -0.48 11.40
C THR A 117 5.65 0.83 10.71
N ASP A 118 4.97 1.77 11.35
CA ASP A 118 4.92 3.17 11.09
C ASP A 118 4.11 3.71 9.95
N CYS A 119 2.80 3.64 10.15
CA CYS A 119 1.84 4.16 9.18
C CYS A 119 0.96 5.22 9.84
N ALA A 120 1.52 5.93 10.84
CA ALA A 120 0.79 6.97 11.56
C ALA A 120 1.65 8.05 12.23
N MET A 121 2.86 7.70 12.67
CA MET A 121 3.73 8.65 13.35
C MET A 121 4.78 9.37 12.50
N ASN A 122 5.79 8.63 12.05
CA ASN A 122 6.86 9.22 11.26
C ASN A 122 6.57 9.27 9.78
N ILE A 123 6.34 10.47 9.27
CA ILE A 123 6.02 10.67 7.86
C ILE A 123 6.94 10.06 6.83
N ALA A 124 8.22 10.43 6.89
CA ALA A 124 9.19 9.93 5.92
C ALA A 124 10.54 9.80 6.60
N PRO A 125 10.64 8.84 7.54
CA PRO A 125 11.85 8.54 8.32
C PRO A 125 13.18 8.58 7.58
N THR A 126 14.19 9.15 8.25
CA THR A 126 15.55 9.21 7.74
C THR A 126 16.20 7.91 8.21
N GLN A 127 17.47 7.72 7.89
CA GLN A 127 18.14 6.50 8.31
C GLN A 127 18.15 6.33 9.82
N ALA A 128 18.37 7.43 10.54
CA ALA A 128 18.43 7.37 12.00
C ALA A 128 17.06 6.99 12.57
N THR A 129 16.03 7.61 12.01
CA THR A 129 14.66 7.35 12.42
C THR A 129 14.21 5.92 12.13
N LEU A 130 14.54 5.46 10.94
CA LEU A 130 14.15 4.12 10.53
C LEU A 130 14.84 3.13 11.48
N ILE A 131 16.10 3.42 11.81
CA ILE A 131 16.85 2.57 12.74
C ILE A 131 16.10 2.44 14.07
N GLU A 132 15.58 3.55 14.59
CA GLU A 132 14.82 3.53 15.83
C GLU A 132 13.47 2.84 15.66
N ILE A 133 12.86 2.98 14.48
CA ILE A 133 11.56 2.34 14.20
C ILE A 133 11.73 0.82 14.27
N VAL A 134 12.84 0.33 13.76
CA VAL A 134 13.14 -1.09 13.77
C VAL A 134 13.31 -1.53 15.23
N GLU A 135 14.14 -0.81 15.98
CA GLU A 135 14.36 -1.12 17.38
C GLU A 135 13.03 -1.23 18.15
N ASN A 136 12.17 -0.21 18.02
CA ASN A 136 10.87 -0.21 18.68
C ASN A 136 10.04 -1.47 18.34
N ALA A 137 9.94 -1.80 17.04
CA ALA A 137 9.19 -2.97 16.59
C ALA A 137 9.89 -4.27 17.01
N LYS A 138 11.22 -4.24 17.04
CA LYS A 138 11.98 -5.43 17.46
C LYS A 138 11.68 -5.71 18.92
N GLU A 139 11.56 -4.66 19.73
CA GLU A 139 11.30 -4.82 21.15
C GLU A 139 9.89 -5.33 21.40
N VAL A 140 8.92 -4.83 20.64
CA VAL A 140 7.55 -5.28 20.79
C VAL A 140 7.46 -6.79 20.52
N ALA A 141 8.09 -7.24 19.43
CA ALA A 141 8.07 -8.66 19.10
C ALA A 141 8.76 -9.49 20.19
N GLN A 142 9.90 -9.02 20.67
CA GLN A 142 10.62 -9.74 21.72
C GLN A 142 9.74 -9.82 22.97
N LYS A 143 9.07 -8.73 23.30
CA LYS A 143 8.19 -8.69 24.45
C LYS A 143 6.99 -9.61 24.21
N LEU A 144 6.71 -9.89 22.95
CA LEU A 144 5.59 -10.72 22.57
C LEU A 144 5.95 -12.20 22.56
N GLY A 145 7.21 -12.50 22.81
CA GLY A 145 7.66 -13.89 22.82
C GLY A 145 8.60 -14.30 21.71
N LEU A 146 8.79 -13.44 20.73
CA LEU A 146 9.68 -13.75 19.61
C LEU A 146 11.10 -13.32 19.95
N HIS A 147 12.03 -14.26 19.89
CA HIS A 147 13.43 -13.97 20.22
C HIS A 147 14.27 -13.41 19.06
N HIS A 148 14.20 -14.06 17.90
CA HIS A 148 14.97 -13.63 16.72
C HIS A 148 14.06 -13.30 15.54
N PRO A 149 13.32 -12.18 15.62
CA PRO A 149 12.41 -11.75 14.56
C PRO A 149 13.03 -11.33 13.23
N LYS A 150 12.38 -11.69 12.13
CA LYS A 150 12.85 -11.32 10.82
C LYS A 150 12.22 -9.97 10.49
N ILE A 151 13.08 -9.00 10.16
CA ILE A 151 12.66 -7.64 9.85
C ILE A 151 13.03 -7.28 8.43
N ALA A 152 12.00 -7.18 7.62
CA ALA A 152 12.12 -6.85 6.23
C ALA A 152 11.91 -5.37 5.97
N LEU A 153 12.89 -4.77 5.31
CA LEU A 153 12.85 -3.36 4.95
C LEU A 153 12.27 -3.34 3.53
N LEU A 154 11.00 -2.97 3.46
CA LEU A 154 10.26 -2.92 2.20
C LEU A 154 10.62 -1.84 1.20
N SER A 155 10.64 -2.23 -0.06
CA SER A 155 10.91 -1.31 -1.16
C SER A 155 10.25 -1.87 -2.42
N ALA A 156 10.05 -1.03 -3.43
CA ALA A 156 9.41 -1.44 -4.68
C ALA A 156 10.15 -2.55 -5.41
N ALA A 157 11.47 -2.39 -5.55
CA ALA A 157 12.28 -3.40 -6.23
C ALA A 157 12.95 -4.35 -5.23
N GLU A 158 13.28 -5.55 -5.70
CA GLU A 158 13.93 -6.56 -4.85
C GLU A 158 15.44 -6.36 -5.02
N ASN A 159 15.87 -6.18 -6.27
CA ASN A 159 17.27 -5.95 -6.59
C ASN A 159 17.55 -4.46 -6.42
N PHE A 160 18.74 -4.14 -5.91
CA PHE A 160 19.13 -2.76 -5.67
C PHE A 160 18.90 -1.82 -6.84
N ASN A 161 18.26 -0.68 -6.56
CA ASN A 161 17.99 0.33 -7.57
C ASN A 161 18.30 1.68 -6.92
N PRO A 162 19.52 2.21 -7.16
CA PRO A 162 19.99 3.48 -6.60
C PRO A 162 19.16 4.70 -6.95
N LYS A 163 18.25 4.54 -7.90
CA LYS A 163 17.41 5.67 -8.28
C LYS A 163 16.21 5.74 -7.34
N MET A 164 16.08 4.73 -6.48
CA MET A 164 14.96 4.66 -5.56
C MET A 164 15.40 4.91 -4.12
N PRO A 165 14.90 5.99 -3.50
CA PRO A 165 15.19 6.40 -2.12
C PRO A 165 14.95 5.28 -1.10
N SER A 166 13.82 4.58 -1.21
CA SER A 166 13.53 3.50 -0.27
C SER A 166 14.50 2.34 -0.45
N SER A 167 14.96 2.14 -1.68
CA SER A 167 15.89 1.06 -1.94
C SER A 167 17.20 1.36 -1.20
N VAL A 168 17.70 2.58 -1.37
CA VAL A 168 18.95 3.03 -0.74
C VAL A 168 18.84 3.06 0.78
N LEU A 169 17.70 3.52 1.28
CA LEU A 169 17.52 3.56 2.71
C LEU A 169 17.58 2.12 3.28
N ALA A 170 16.90 1.18 2.62
CA ALA A 170 16.92 -0.21 3.06
C ALA A 170 18.33 -0.75 3.17
N LYS A 171 19.12 -0.53 2.14
CA LYS A 171 20.50 -1.00 2.12
C LYS A 171 21.34 -0.40 3.26
N GLU A 172 21.13 0.87 3.58
CA GLU A 172 21.92 1.49 4.65
C GLU A 172 21.55 0.96 6.03
N VAL A 173 20.25 0.86 6.30
CA VAL A 173 19.76 0.37 7.58
C VAL A 173 20.17 -1.09 7.75
N THR A 174 20.21 -1.81 6.64
CA THR A 174 20.62 -3.22 6.67
C THR A 174 22.09 -3.27 7.14
N ALA A 175 22.94 -2.48 6.49
CA ALA A 175 24.36 -2.43 6.81
C ALA A 175 24.54 -2.14 8.31
N HIS A 176 23.71 -1.24 8.83
CA HIS A 176 23.79 -0.86 10.24
C HIS A 176 23.52 -2.02 11.17
N PHE A 177 22.57 -2.88 10.81
CA PHE A 177 22.23 -4.01 11.65
C PHE A 177 22.99 -5.29 11.32
N ASN A 178 23.86 -5.24 10.33
CA ASN A 178 24.63 -6.42 9.95
C ASN A 178 25.55 -6.91 11.07
N ASP A 179 25.64 -6.14 12.15
CA ASP A 179 26.50 -6.49 13.28
C ASP A 179 25.81 -7.34 14.35
N GLN A 180 24.79 -6.77 14.99
CA GLN A 180 24.06 -7.46 16.05
C GLN A 180 23.49 -8.82 15.64
N GLN A 181 23.13 -9.64 16.64
CA GLN A 181 22.58 -10.97 16.38
C GLN A 181 21.21 -11.16 17.03
N GLU A 182 20.61 -10.07 17.49
CA GLU A 182 19.30 -10.13 18.13
C GLU A 182 18.18 -10.37 17.12
N ALA A 183 18.39 -9.94 15.88
CA ALA A 183 17.37 -10.13 14.84
C ALA A 183 17.98 -10.09 13.44
N THR A 184 17.21 -10.56 12.47
CA THR A 184 17.66 -10.54 11.10
C THR A 184 16.94 -9.39 10.38
N VAL A 185 17.69 -8.33 10.06
CA VAL A 185 17.14 -7.17 9.36
C VAL A 185 17.70 -7.15 7.93
N PHE A 186 16.81 -7.16 6.94
CA PHE A 186 17.23 -7.14 5.52
C PHE A 186 16.30 -6.40 4.55
N GLY A 187 16.91 -5.72 3.59
CA GLY A 187 16.20 -4.97 2.57
C GLY A 187 17.25 -4.53 1.55
N PRO A 188 16.85 -4.07 0.36
CA PRO A 188 15.48 -3.94 -0.13
C PRO A 188 14.77 -5.27 -0.37
N LEU A 189 13.49 -5.33 -0.02
CA LEU A 189 12.70 -6.52 -0.23
C LEU A 189 11.32 -6.05 -0.64
N SER A 190 10.72 -6.78 -1.57
CA SER A 190 9.40 -6.48 -2.07
C SER A 190 8.41 -7.21 -1.16
N LEU A 191 7.20 -6.66 -1.05
CA LEU A 191 6.15 -7.23 -0.23
C LEU A 191 5.92 -8.73 -0.44
N ASP A 192 5.83 -9.16 -1.69
CA ASP A 192 5.61 -10.59 -1.94
C ASP A 192 6.80 -11.44 -1.46
N LEU A 193 8.02 -11.02 -1.79
CA LEU A 193 9.19 -11.77 -1.36
C LEU A 193 9.33 -11.76 0.17
N ALA A 194 8.68 -10.79 0.81
CA ALA A 194 8.73 -10.69 2.26
C ALA A 194 7.68 -11.54 3.00
N THR A 195 6.52 -11.70 2.40
CA THR A 195 5.40 -12.41 3.01
C THR A 195 4.87 -13.66 2.31
N SER A 196 5.37 -13.96 1.12
CA SER A 196 4.89 -15.12 0.38
C SER A 196 5.96 -16.14 0.01
N GLU A 197 6.03 -17.23 0.78
CA GLU A 197 7.02 -18.29 0.50
C GLU A 197 6.89 -18.79 -0.93
N GLU A 198 5.66 -18.89 -1.42
CA GLU A 198 5.39 -19.33 -2.77
C GLU A 198 5.98 -18.34 -3.77
N ALA A 199 5.79 -17.04 -3.56
CA ALA A 199 6.36 -16.04 -4.47
C ALA A 199 7.88 -16.16 -4.49
N VAL A 200 8.46 -16.47 -3.33
CA VAL A 200 9.90 -16.65 -3.18
C VAL A 200 10.37 -17.82 -4.06
N ALA A 201 9.63 -18.92 -3.98
CA ALA A 201 9.91 -20.12 -4.76
C ALA A 201 9.67 -19.81 -6.23
N HIS A 202 8.56 -19.14 -6.50
CA HIS A 202 8.18 -18.77 -7.86
C HIS A 202 9.31 -18.00 -8.55
N LYS A 203 9.98 -17.12 -7.81
CA LYS A 203 11.07 -16.35 -8.42
C LYS A 203 12.43 -16.93 -8.07
N ARG A 204 12.43 -18.07 -7.37
CA ARG A 204 13.66 -18.73 -6.97
C ARG A 204 14.61 -17.77 -6.25
N TYR A 205 14.04 -16.88 -5.45
CA TYR A 205 14.83 -15.90 -4.71
C TYR A 205 15.50 -16.59 -3.53
N SER A 206 16.64 -16.04 -3.11
CA SER A 206 17.39 -16.57 -1.98
C SER A 206 17.92 -15.37 -1.18
N GLY A 207 17.70 -15.38 0.13
CA GLY A 207 18.16 -14.28 0.96
C GLY A 207 17.91 -14.59 2.43
N PRO A 208 18.27 -13.69 3.36
CA PRO A 208 18.08 -13.89 4.80
C PRO A 208 16.61 -14.02 5.16
N ILE A 209 15.75 -13.41 4.35
CA ILE A 209 14.32 -13.49 4.61
C ILE A 209 13.61 -13.93 3.35
N MET A 210 12.80 -14.98 3.47
CA MET A 210 12.11 -15.50 2.32
C MET A 210 10.64 -15.78 2.58
N GLY A 211 9.82 -14.76 2.36
CA GLY A 211 8.39 -14.86 2.54
C GLY A 211 7.94 -15.20 3.94
N ASP A 212 8.86 -15.18 4.91
CA ASP A 212 8.55 -15.50 6.29
C ASP A 212 8.94 -14.41 7.29
N ALA A 213 8.82 -13.14 6.91
CA ALA A 213 9.17 -12.03 7.79
C ALA A 213 8.21 -11.87 8.95
N ASP A 214 8.72 -11.45 10.10
CA ASP A 214 7.89 -11.26 11.28
C ASP A 214 7.45 -9.81 11.46
N ILE A 215 8.22 -8.92 10.87
CA ILE A 215 7.95 -7.50 10.95
C ILE A 215 8.23 -6.88 9.60
N LEU A 216 7.30 -6.05 9.15
CA LEU A 216 7.49 -5.37 7.88
C LEU A 216 7.71 -3.91 8.26
N VAL A 217 8.72 -3.29 7.64
CA VAL A 217 9.05 -1.89 7.86
C VAL A 217 8.93 -1.14 6.53
N VAL A 218 8.02 -0.16 6.49
CA VAL A 218 7.77 0.64 5.31
C VAL A 218 8.62 1.91 5.31
N PRO A 219 8.75 2.55 4.13
CA PRO A 219 9.55 3.78 3.99
C PRO A 219 8.81 5.04 4.44
N THR A 220 7.51 5.05 4.20
CA THR A 220 6.71 6.22 4.51
C THR A 220 5.32 5.86 5.04
N ILE A 221 4.69 6.83 5.70
CA ILE A 221 3.36 6.62 6.24
C ILE A 221 2.39 6.21 5.10
N ASP A 222 2.56 6.79 3.91
CA ASP A 222 1.68 6.44 2.78
C ASP A 222 1.70 4.95 2.46
N VAL A 223 2.88 4.36 2.43
CA VAL A 223 2.99 2.94 2.13
C VAL A 223 2.32 2.12 3.24
N GLY A 224 2.72 2.34 4.48
CA GLY A 224 2.12 1.60 5.59
C GLY A 224 0.61 1.75 5.71
N ASN A 225 0.13 2.98 5.53
CA ASN A 225 -1.30 3.29 5.60
C ASN A 225 -2.06 2.54 4.51
N CYS A 226 -1.57 2.65 3.28
CA CYS A 226 -2.21 1.99 2.17
C CYS A 226 -2.22 0.48 2.32
N LEU A 227 -1.12 -0.08 2.81
CA LEU A 227 -1.03 -1.52 3.01
C LEU A 227 -2.02 -1.90 4.11
N TYR A 228 -2.00 -1.13 5.19
CA TYR A 228 -2.87 -1.34 6.34
C TYR A 228 -4.33 -1.45 5.88
N LYS A 229 -4.82 -0.40 5.24
CA LYS A 229 -6.21 -0.34 4.78
C LYS A 229 -6.54 -1.40 3.75
N SER A 230 -5.60 -1.65 2.87
CA SER A 230 -5.79 -2.65 1.84
C SER A 230 -5.97 -4.04 2.48
N LEU A 231 -5.22 -4.31 3.54
CA LEU A 231 -5.31 -5.59 4.23
C LEU A 231 -6.69 -5.83 4.84
N THR A 232 -7.22 -4.81 5.50
CA THR A 232 -8.54 -4.92 6.11
C THR A 232 -9.68 -4.78 5.09
N LEU A 233 -9.54 -3.89 4.13
CA LEU A 233 -10.58 -3.68 3.12
C LEU A 233 -10.73 -4.83 2.12
N PHE A 234 -9.63 -5.48 1.76
CA PHE A 234 -9.69 -6.57 0.79
C PHE A 234 -9.00 -7.87 1.19
N GLY A 235 -8.16 -7.80 2.21
CA GLY A 235 -7.44 -8.99 2.65
C GLY A 235 -8.09 -9.81 3.76
N HIS A 236 -9.14 -9.29 4.38
CA HIS A 236 -9.85 -9.98 5.48
C HIS A 236 -8.92 -10.14 6.67
N ALA A 237 -7.96 -9.25 6.79
CA ALA A 237 -7.00 -9.33 7.87
C ALA A 237 -7.50 -8.62 9.12
N LYS A 238 -7.09 -9.15 10.27
CA LYS A 238 -7.43 -8.53 11.55
C LYS A 238 -6.20 -7.67 11.88
N VAL A 239 -6.45 -6.43 12.24
CA VAL A 239 -5.36 -5.50 12.53
C VAL A 239 -5.58 -4.72 13.81
N GLY A 240 -4.51 -4.57 14.59
CA GLY A 240 -4.56 -3.82 15.83
C GLY A 240 -3.32 -2.94 15.90
N GLY A 241 -3.46 -1.72 16.42
CA GLY A 241 -2.30 -0.86 16.49
C GLY A 241 -2.12 -0.09 17.78
N THR A 242 -0.88 0.22 18.10
CA THR A 242 -0.59 0.96 19.30
C THR A 242 0.63 1.82 19.02
N ILE A 243 0.72 2.93 19.73
CA ILE A 243 1.87 3.80 19.61
C ILE A 243 2.84 3.26 20.65
N VAL A 244 4.10 3.07 20.26
CA VAL A 244 5.11 2.56 21.16
C VAL A 244 6.18 3.63 21.41
N GLY A 245 7.03 3.39 22.40
CA GLY A 245 8.06 4.35 22.74
C GLY A 245 7.81 4.90 24.13
N THR A 246 6.55 4.92 24.53
CA THR A 246 6.17 5.40 25.86
C THR A 246 6.22 4.22 26.81
N LYS A 247 6.13 4.48 28.10
CA LYS A 247 6.18 3.37 29.06
C LYS A 247 4.84 2.66 29.14
N VAL A 248 3.87 3.17 28.39
CA VAL A 248 2.54 2.58 28.34
C VAL A 248 2.00 2.57 26.89
N PRO A 249 1.53 1.41 26.41
CA PRO A 249 0.98 1.30 25.05
C PRO A 249 -0.12 2.34 24.88
N VAL A 250 -0.15 3.02 23.74
CA VAL A 250 -1.18 4.02 23.53
C VAL A 250 -2.05 3.58 22.36
N VAL A 251 -3.34 3.40 22.61
CA VAL A 251 -4.25 2.97 21.56
C VAL A 251 -5.04 4.18 21.04
N LEU A 252 -5.02 4.38 19.72
CA LEU A 252 -5.74 5.48 19.11
C LEU A 252 -7.05 4.95 18.52
N THR A 253 -8.15 5.57 18.92
CA THR A 253 -9.47 5.18 18.46
C THR A 253 -10.15 6.34 17.74
N SER A 254 -10.94 6.02 16.71
CA SER A 254 -11.68 7.00 15.94
C SER A 254 -13.13 6.56 15.97
N ARG A 255 -14.03 7.52 16.21
CA ARG A 255 -15.45 7.22 16.27
C ARG A 255 -15.88 6.29 15.14
N SER A 256 -15.39 6.55 13.93
CA SER A 256 -15.72 5.74 12.76
C SER A 256 -15.25 4.29 12.88
N ASP A 257 -14.30 4.04 13.77
CA ASP A 257 -13.80 2.68 13.95
C ASP A 257 -14.82 1.72 14.57
N SER A 258 -14.95 0.56 13.94
CA SER A 258 -15.87 -0.45 14.41
C SER A 258 -15.43 -0.95 15.79
N THR A 259 -16.35 -1.61 16.48
CA THR A 259 -16.06 -2.14 17.79
C THR A 259 -14.97 -3.21 17.77
N GLU A 260 -15.00 -4.05 16.75
CA GLU A 260 -14.00 -5.11 16.59
C GLU A 260 -12.63 -4.51 16.31
N SER A 261 -12.63 -3.38 15.62
CA SER A 261 -11.39 -2.70 15.28
C SER A 261 -10.73 -2.17 16.55
N LYS A 262 -11.49 -1.47 17.38
CA LYS A 262 -10.92 -0.93 18.62
C LYS A 262 -10.47 -2.08 19.50
N PHE A 263 -11.27 -3.14 19.54
CA PHE A 263 -10.96 -4.31 20.35
C PHE A 263 -9.63 -4.95 19.99
N HIS A 264 -9.33 -5.03 18.69
CA HIS A 264 -8.09 -5.62 18.23
C HIS A 264 -6.87 -4.84 18.74
N SER A 265 -6.96 -3.50 18.69
CA SER A 265 -5.86 -2.65 19.15
C SER A 265 -5.72 -2.81 20.65
N LEU A 266 -6.86 -2.78 21.34
CA LEU A 266 -6.86 -2.93 22.78
C LEU A 266 -6.25 -4.29 23.14
N ARG A 267 -6.57 -5.30 22.34
CA ARG A 267 -6.07 -6.66 22.56
C ARG A 267 -4.55 -6.68 22.36
N PHE A 268 -4.11 -5.90 21.38
CA PHE A 268 -2.69 -5.83 21.07
C PHE A 268 -1.95 -5.15 22.22
N ALA A 269 -2.55 -4.09 22.77
CA ALA A 269 -1.96 -3.35 23.89
C ALA A 269 -1.88 -4.19 25.16
N MET A 270 -2.96 -4.90 25.48
CA MET A 270 -2.97 -5.75 26.67
C MET A 270 -1.88 -6.81 26.54
N ARG A 271 -1.70 -7.31 25.32
CA ARG A 271 -0.72 -8.33 25.06
C ARG A 271 0.70 -7.85 25.34
N GLN A 272 0.97 -6.57 25.08
CA GLN A 272 2.30 -6.01 25.31
C GLN A 272 2.52 -5.76 26.80
N VAL A 273 1.42 -5.48 27.51
CA VAL A 273 1.49 -5.21 28.92
C VAL A 273 1.83 -6.43 29.76
N HIS A 274 1.22 -7.57 29.44
CA HIS A 274 1.50 -8.77 30.22
C HIS A 274 2.41 -9.80 29.58
N HIS A 275 2.16 -10.15 28.31
CA HIS A 275 2.97 -11.14 27.61
C HIS A 275 4.47 -10.94 27.79
N HIS A 276 5.19 -12.06 27.86
CA HIS A 276 6.64 -12.07 28.05
C HIS A 276 7.38 -12.57 26.82
N MET B 1 -9.51 -6.26 -36.97
CA MET B 1 -8.47 -7.20 -36.44
C MET B 1 -7.37 -6.46 -35.69
N ILE B 2 -6.73 -7.15 -34.76
CA ILE B 2 -5.65 -6.54 -33.98
C ILE B 2 -4.32 -7.22 -34.23
N THR B 3 -3.32 -6.42 -34.60
CA THR B 3 -1.97 -6.90 -34.88
C THR B 3 -1.07 -6.50 -33.72
N VAL B 4 -0.36 -7.47 -33.16
CA VAL B 4 0.54 -7.22 -32.04
C VAL B 4 2.00 -7.39 -32.48
N SER B 5 2.81 -6.36 -32.25
CA SER B 5 4.22 -6.40 -32.59
C SER B 5 5.01 -6.81 -31.36
N ILE B 6 5.76 -7.90 -31.48
CA ILE B 6 6.54 -8.36 -30.36
C ILE B 6 8.04 -8.22 -30.59
N ALA B 7 8.69 -7.46 -29.71
CA ALA B 7 10.13 -7.25 -29.80
C ALA B 7 10.84 -8.40 -29.10
N GLY B 8 11.59 -9.19 -29.87
CA GLY B 8 12.32 -10.32 -29.29
C GLY B 8 11.36 -11.37 -28.78
N GLY B 9 10.43 -11.79 -29.64
CA GLY B 9 9.44 -12.76 -29.23
C GLY B 9 9.60 -14.16 -29.80
N SER B 10 10.79 -14.52 -30.26
CA SER B 10 10.94 -15.87 -30.77
C SER B 10 11.52 -16.73 -29.65
N GLN B 11 10.74 -16.86 -28.57
CA GLN B 11 11.09 -17.64 -27.39
C GLN B 11 9.89 -18.49 -27.00
N PRO B 12 10.13 -19.70 -26.45
CA PRO B 12 9.03 -20.58 -26.05
C PRO B 12 7.98 -19.89 -25.17
N GLU B 13 8.44 -19.12 -24.18
CA GLU B 13 7.54 -18.38 -23.29
C GLU B 13 6.57 -17.52 -24.12
N ILE B 14 7.10 -16.78 -25.10
CA ILE B 14 6.26 -15.93 -25.95
C ILE B 14 5.38 -16.80 -26.83
N LEU B 15 5.99 -17.82 -27.42
CA LEU B 15 5.29 -18.77 -28.26
C LEU B 15 4.09 -19.35 -27.49
N GLN B 16 4.29 -19.64 -26.21
CA GLN B 16 3.21 -20.19 -25.39
C GLN B 16 2.10 -19.16 -25.19
N LEU B 17 2.46 -17.90 -24.96
CA LEU B 17 1.45 -16.84 -24.79
C LEU B 17 0.64 -16.65 -26.08
N VAL B 18 1.35 -16.58 -27.20
CA VAL B 18 0.73 -16.42 -28.51
C VAL B 18 -0.24 -17.58 -28.80
N LYS B 19 0.25 -18.81 -28.63
CA LYS B 19 -0.56 -19.98 -28.88
C LYS B 19 -1.84 -19.91 -28.06
N LYS B 20 -1.72 -19.52 -26.80
CA LYS B 20 -2.88 -19.41 -25.92
C LYS B 20 -3.86 -18.33 -26.38
N ALA B 21 -3.34 -17.15 -26.68
CA ALA B 21 -4.17 -16.02 -27.12
C ALA B 21 -4.96 -16.32 -28.38
N LEU B 22 -4.29 -16.91 -29.35
CA LEU B 22 -4.93 -17.23 -30.61
C LEU B 22 -6.09 -18.19 -30.41
N LYS B 23 -5.94 -19.15 -29.50
CA LYS B 23 -7.02 -20.11 -29.30
C LYS B 23 -8.16 -19.57 -28.43
N GLU B 24 -7.85 -18.72 -27.47
CA GLU B 24 -8.88 -18.15 -26.62
C GLU B 24 -9.41 -16.83 -27.17
N ALA B 25 -8.97 -16.48 -28.38
CA ALA B 25 -9.38 -15.23 -29.03
C ALA B 25 -10.82 -15.20 -29.51
N GLU B 26 -11.52 -14.14 -29.12
CA GLU B 26 -12.92 -13.92 -29.49
C GLU B 26 -13.03 -12.94 -30.66
N GLN B 27 -11.87 -12.48 -31.16
CA GLN B 27 -11.80 -11.56 -32.27
C GLN B 27 -10.51 -11.79 -33.03
N PRO B 28 -10.43 -11.35 -34.30
CA PRO B 28 -9.24 -11.53 -35.13
C PRO B 28 -7.99 -10.94 -34.47
N LEU B 29 -6.98 -11.78 -34.31
CA LEU B 29 -5.72 -11.37 -33.71
C LEU B 29 -4.56 -11.85 -34.58
N GLN B 30 -3.48 -11.08 -34.59
CA GLN B 30 -2.33 -11.44 -35.39
C GLN B 30 -1.06 -10.97 -34.69
N PHE B 31 -0.03 -11.79 -34.71
CA PHE B 31 1.23 -11.45 -34.07
C PHE B 31 2.37 -11.38 -35.07
N ILE B 32 3.21 -10.35 -34.94
CA ILE B 32 4.37 -10.19 -35.80
C ILE B 32 5.55 -10.16 -34.83
N VAL B 33 6.43 -11.13 -34.96
CA VAL B 33 7.58 -11.27 -34.08
C VAL B 33 8.91 -10.91 -34.72
N PHE B 34 9.70 -10.10 -34.01
CA PHE B 34 11.02 -9.68 -34.45
C PHE B 34 12.02 -10.28 -33.47
N ASP B 35 13.13 -10.82 -33.97
CA ASP B 35 14.10 -11.44 -33.08
C ASP B 35 15.43 -11.73 -33.78
N THR B 36 16.49 -11.79 -32.99
CA THR B 36 17.81 -12.09 -33.52
C THR B 36 17.95 -13.61 -33.58
N ASN B 37 17.29 -14.27 -32.64
CA ASN B 37 17.32 -15.73 -32.55
C ASN B 37 16.49 -16.35 -33.69
N GLU B 38 16.77 -17.61 -34.00
CA GLU B 38 16.06 -18.31 -35.05
C GLU B 38 14.59 -18.43 -34.73
N ASN B 39 13.80 -18.70 -35.76
CA ASN B 39 12.36 -18.84 -35.58
C ASN B 39 12.10 -20.18 -34.88
N LEU B 40 11.13 -20.18 -33.97
CA LEU B 40 10.77 -21.38 -33.22
C LEU B 40 9.38 -21.86 -33.63
N ASP B 41 8.68 -21.03 -34.41
CA ASP B 41 7.33 -21.35 -34.87
C ASP B 41 7.35 -22.16 -36.17
N THR B 42 6.48 -23.17 -36.24
CA THR B 42 6.38 -24.01 -37.42
C THR B 42 4.92 -24.06 -37.84
N GLU B 43 4.03 -23.90 -36.85
CA GLU B 43 2.59 -23.94 -37.08
C GLU B 43 2.08 -22.60 -37.64
N ASN B 44 3.02 -21.74 -38.06
CA ASN B 44 2.68 -20.42 -38.59
C ASN B 44 1.76 -19.66 -37.64
N LEU B 45 2.06 -19.70 -36.36
CA LEU B 45 1.24 -19.00 -35.38
C LEU B 45 1.47 -17.49 -35.46
N TRP B 46 2.62 -17.09 -35.96
CA TRP B 46 2.95 -15.69 -36.09
C TRP B 46 3.71 -15.42 -37.38
N LYS B 47 4.07 -14.15 -37.59
CA LYS B 47 4.84 -13.76 -38.77
C LYS B 47 6.24 -13.51 -38.22
N TYR B 48 7.20 -14.35 -38.58
CA TYR B 48 8.58 -14.20 -38.10
C TYR B 48 9.40 -13.24 -38.95
N VAL B 49 10.15 -12.36 -38.29
CA VAL B 49 11.02 -11.39 -38.97
C VAL B 49 12.36 -11.35 -38.29
N HIS B 50 13.34 -12.05 -38.86
CA HIS B 50 14.69 -12.10 -38.31
C HIS B 50 15.39 -10.74 -38.34
N CYS B 51 16.18 -10.45 -37.31
CA CYS B 51 16.93 -9.20 -37.24
C CYS B 51 18.40 -9.46 -36.96
N SER B 52 19.26 -8.57 -37.44
CA SER B 52 20.71 -8.71 -37.27
C SER B 52 21.13 -8.53 -35.82
N ASP B 53 20.74 -7.42 -35.21
CA ASP B 53 21.08 -7.15 -33.82
C ASP B 53 19.83 -6.86 -33.01
N GLU B 54 20.04 -6.74 -31.70
CA GLU B 54 18.95 -6.45 -30.79
C GLU B 54 18.43 -5.04 -31.01
N ALA B 55 19.35 -4.11 -31.28
CA ALA B 55 18.97 -2.72 -31.52
C ALA B 55 18.00 -2.65 -32.68
N ALA B 56 18.23 -3.50 -33.68
CA ALA B 56 17.37 -3.56 -34.85
C ALA B 56 15.99 -4.09 -34.47
N VAL B 57 15.98 -5.13 -33.63
CA VAL B 57 14.73 -5.73 -33.15
C VAL B 57 13.84 -4.63 -32.57
N ALA B 58 14.36 -3.89 -31.59
CA ALA B 58 13.59 -2.83 -30.97
C ALA B 58 13.15 -1.81 -32.00
N GLN B 59 14.05 -1.47 -32.92
CA GLN B 59 13.75 -0.49 -33.95
C GLN B 59 12.63 -1.00 -34.86
N GLU B 60 12.78 -2.23 -35.32
CA GLU B 60 11.79 -2.80 -36.21
C GLU B 60 10.42 -3.02 -35.55
N ALA B 61 10.43 -3.47 -34.31
CA ALA B 61 9.19 -3.72 -33.58
C ALA B 61 8.41 -2.42 -33.34
N VAL B 62 9.12 -1.37 -32.92
CA VAL B 62 8.51 -0.06 -32.64
C VAL B 62 8.00 0.60 -33.93
N SER B 63 8.74 0.38 -35.00
CA SER B 63 8.39 0.94 -36.29
C SER B 63 7.04 0.44 -36.76
N LEU B 64 6.79 -0.85 -36.54
CA LEU B 64 5.53 -1.47 -36.96
C LEU B 64 4.35 -0.81 -36.26
N VAL B 65 4.59 -0.31 -35.05
CA VAL B 65 3.56 0.37 -34.27
C VAL B 65 3.40 1.83 -34.67
N ALA B 66 4.53 2.50 -34.89
CA ALA B 66 4.51 3.90 -35.28
C ALA B 66 3.92 4.06 -36.67
N THR B 67 4.25 3.13 -37.56
CA THR B 67 3.75 3.17 -38.93
C THR B 67 2.26 2.86 -39.04
N GLY B 68 1.65 2.45 -37.93
CA GLY B 68 0.23 2.16 -37.95
C GLY B 68 -0.16 0.76 -38.37
N GLN B 69 0.82 -0.14 -38.51
CA GLN B 69 0.53 -1.52 -38.91
C GLN B 69 0.11 -2.39 -37.72
N ALA B 70 0.72 -2.14 -36.57
CA ALA B 70 0.39 -2.88 -35.36
C ALA B 70 -0.27 -1.90 -34.39
N GLN B 71 -1.18 -2.41 -33.56
CA GLN B 71 -1.87 -1.58 -32.60
C GLN B 71 -1.42 -1.79 -31.15
N ILE B 72 -0.52 -2.74 -30.92
CA ILE B 72 -0.02 -3.02 -29.59
C ILE B 72 1.42 -3.50 -29.64
N LEU B 73 2.25 -2.93 -28.79
CA LEU B 73 3.65 -3.31 -28.72
C LEU B 73 3.83 -4.19 -27.48
N LEU B 74 4.38 -5.40 -27.67
CA LEU B 74 4.58 -6.32 -26.56
C LEU B 74 6.07 -6.54 -26.37
N LYS B 75 6.55 -6.43 -25.13
CA LYS B 75 7.96 -6.62 -24.85
C LYS B 75 8.28 -8.08 -24.56
N GLY B 76 8.99 -8.72 -25.47
CA GLY B 76 9.37 -10.11 -25.29
C GLY B 76 10.69 -10.14 -24.56
N ILE B 77 11.59 -11.02 -24.96
CA ILE B 77 12.89 -11.12 -24.31
C ILE B 77 13.83 -10.05 -24.86
N ILE B 78 13.86 -8.89 -24.21
CA ILE B 78 14.71 -7.81 -24.64
C ILE B 78 14.83 -6.80 -23.50
N GLN B 79 16.01 -6.20 -23.39
CA GLN B 79 16.28 -5.23 -22.33
C GLN B 79 15.24 -4.12 -22.34
N THR B 80 14.49 -4.03 -21.24
CA THR B 80 13.44 -3.03 -21.12
C THR B 80 13.84 -1.63 -21.54
N HIS B 81 15.06 -1.23 -21.21
CA HIS B 81 15.54 0.11 -21.54
C HIS B 81 15.87 0.29 -23.02
N THR B 82 16.31 -0.78 -23.67
CA THR B 82 16.65 -0.73 -25.09
C THR B 82 15.36 -0.52 -25.88
N LEU B 83 14.28 -1.16 -25.46
CA LEU B 83 13.01 -1.02 -26.14
C LEU B 83 12.37 0.30 -25.73
N LEU B 84 12.58 0.69 -24.48
CA LEU B 84 12.02 1.93 -23.95
C LEU B 84 12.64 3.11 -24.68
N LYS B 85 13.96 3.04 -24.86
CA LYS B 85 14.71 4.09 -25.55
C LYS B 85 14.14 4.27 -26.95
N GLU B 86 14.12 3.17 -27.70
CA GLU B 86 13.60 3.21 -29.06
C GLU B 86 12.18 3.77 -29.09
N MET B 87 11.37 3.41 -28.11
CA MET B 87 9.99 3.88 -28.03
C MET B 87 9.97 5.40 -27.99
N LEU B 88 10.75 5.98 -27.08
CA LEU B 88 10.83 7.43 -26.93
C LEU B 88 11.50 8.09 -28.13
N LYS B 89 12.44 7.36 -28.73
CA LYS B 89 13.16 7.84 -29.91
C LYS B 89 12.17 8.02 -31.05
N SER B 90 11.03 7.33 -30.95
CA SER B 90 10.00 7.42 -31.96
C SER B 90 9.06 8.59 -31.64
N GLU B 91 8.88 8.86 -30.34
CA GLU B 91 8.02 9.96 -29.90
C GLU B 91 8.69 11.32 -30.12
N PRO B 98 6.11 12.58 -24.09
CA PRO B 98 7.40 12.67 -23.40
C PRO B 98 7.36 11.97 -22.04
N ILE B 99 6.19 11.97 -21.42
CA ILE B 99 6.01 11.34 -20.11
C ILE B 99 5.18 10.07 -20.20
N LEU B 100 5.82 8.96 -19.86
CA LEU B 100 5.16 7.67 -19.90
C LEU B 100 4.76 7.30 -18.48
N SER B 101 3.67 6.55 -18.35
CA SER B 101 3.22 6.11 -17.03
C SER B 101 2.62 4.72 -17.17
N HIS B 102 2.60 3.99 -16.07
CA HIS B 102 2.03 2.65 -16.08
C HIS B 102 0.63 2.69 -15.53
N VAL B 103 -0.27 1.96 -16.17
CA VAL B 103 -1.65 1.90 -15.73
C VAL B 103 -2.08 0.44 -15.61
N ALA B 104 -2.61 0.09 -14.44
CA ALA B 104 -3.03 -1.27 -14.20
C ALA B 104 -4.53 -1.34 -14.02
N MET B 105 -5.09 -2.48 -14.41
CA MET B 105 -6.52 -2.72 -14.28
C MET B 105 -6.72 -3.76 -13.18
N VAL B 106 -7.46 -3.38 -12.14
CA VAL B 106 -7.71 -4.26 -11.01
C VAL B 106 -9.15 -4.79 -10.93
N GLU B 107 -9.27 -6.09 -10.70
CA GLU B 107 -10.59 -6.71 -10.57
C GLU B 107 -10.65 -7.52 -9.29
N LEU B 108 -11.46 -7.04 -8.34
CA LEU B 108 -11.61 -7.69 -7.04
C LEU B 108 -12.77 -8.68 -7.03
N PRO B 109 -12.69 -9.70 -6.17
CA PRO B 109 -13.69 -10.77 -6.00
C PRO B 109 -15.17 -10.42 -6.15
N ALA B 110 -15.65 -9.46 -5.36
CA ALA B 110 -17.07 -9.07 -5.42
C ALA B 110 -17.43 -8.37 -6.73
N GLY B 111 -16.45 -8.23 -7.61
CA GLY B 111 -16.71 -7.56 -8.87
C GLY B 111 -16.31 -6.10 -8.86
N LYS B 112 -15.75 -5.63 -7.74
CA LYS B 112 -15.31 -4.25 -7.61
C LYS B 112 -14.07 -4.05 -8.49
N THR B 113 -14.05 -3.01 -9.32
CA THR B 113 -12.89 -2.80 -10.18
C THR B 113 -12.45 -1.34 -10.18
N PHE B 114 -11.22 -1.10 -10.63
CA PHE B 114 -10.66 0.25 -10.69
C PHE B 114 -9.29 0.26 -11.33
N LEU B 115 -8.87 1.43 -11.82
CA LEU B 115 -7.56 1.57 -12.43
C LEU B 115 -6.58 2.08 -11.38
N LEU B 116 -5.36 1.57 -11.44
CA LEU B 116 -4.32 1.96 -10.50
C LEU B 116 -3.19 2.48 -11.35
N THR B 117 -2.82 3.74 -11.15
CA THR B 117 -1.77 4.26 -11.98
C THR B 117 -0.45 4.61 -11.38
N ASP B 118 0.54 4.09 -12.10
CA ASP B 118 1.95 4.23 -11.87
C ASP B 118 2.59 3.52 -10.70
N CYS B 119 2.78 2.22 -10.91
CA CYS B 119 3.39 1.34 -9.93
C CYS B 119 4.72 0.88 -10.51
N ALA B 120 5.17 1.52 -11.59
CA ALA B 120 6.41 1.11 -12.22
C ALA B 120 7.28 2.20 -12.82
N MET B 121 6.65 3.15 -13.51
CA MET B 121 7.40 4.22 -14.18
C MET B 121 8.05 5.32 -13.34
N ASN B 122 7.28 6.36 -13.07
CA ASN B 122 7.72 7.52 -12.31
C ASN B 122 7.91 7.20 -10.83
N ILE B 123 9.13 7.39 -10.32
CA ILE B 123 9.42 7.06 -8.93
C ILE B 123 8.79 7.99 -7.88
N ALA B 124 9.08 9.28 -7.95
CA ALA B 124 8.52 10.25 -7.02
C ALA B 124 7.96 11.41 -7.84
N PRO B 125 6.80 11.18 -8.48
CA PRO B 125 6.13 12.19 -9.31
C PRO B 125 6.03 13.58 -8.67
N THR B 126 6.46 14.60 -9.42
CA THR B 126 6.38 15.99 -8.97
C THR B 126 5.01 16.49 -9.40
N GLN B 127 4.68 17.71 -9.02
CA GLN B 127 3.43 18.36 -9.38
C GLN B 127 3.18 18.21 -10.90
N ALA B 128 4.13 18.66 -11.70
CA ALA B 128 4.00 18.58 -13.16
C ALA B 128 3.88 17.17 -13.72
N THR B 129 4.63 16.22 -13.17
CA THR B 129 4.57 14.85 -13.67
C THR B 129 3.28 14.16 -13.26
N LEU B 130 2.80 14.46 -12.06
CA LEU B 130 1.55 13.85 -11.60
C LEU B 130 0.36 14.32 -12.46
N ILE B 131 0.37 15.57 -12.89
CA ILE B 131 -0.71 16.09 -13.72
C ILE B 131 -0.77 15.26 -15.02
N GLU B 132 0.39 14.92 -15.57
CA GLU B 132 0.47 14.14 -16.79
C GLU B 132 0.03 12.70 -16.53
N ILE B 133 0.42 12.16 -15.36
CA ILE B 133 0.05 10.81 -14.98
C ILE B 133 -1.48 10.69 -14.90
N VAL B 134 -2.12 11.74 -14.39
CA VAL B 134 -3.58 11.76 -14.29
C VAL B 134 -4.17 11.83 -15.70
N GLU B 135 -3.56 12.64 -16.56
CA GLU B 135 -4.07 12.77 -17.92
C GLU B 135 -4.06 11.45 -18.69
N ASN B 136 -2.98 10.69 -18.59
CA ASN B 136 -2.86 9.41 -19.27
C ASN B 136 -3.93 8.42 -18.78
N ALA B 137 -4.13 8.37 -17.46
CA ALA B 137 -5.13 7.47 -16.91
C ALA B 137 -6.53 7.97 -17.30
N LYS B 138 -6.67 9.29 -17.40
CA LYS B 138 -7.94 9.90 -17.76
C LYS B 138 -8.28 9.48 -19.19
N GLU B 139 -7.25 9.32 -20.01
CA GLU B 139 -7.38 8.91 -21.41
C GLU B 139 -7.79 7.45 -21.47
N VAL B 140 -7.05 6.59 -20.77
CA VAL B 140 -7.34 5.16 -20.74
C VAL B 140 -8.78 4.87 -20.31
N ALA B 141 -9.28 5.61 -19.33
CA ALA B 141 -10.63 5.41 -18.85
C ALA B 141 -11.63 5.85 -19.92
N GLN B 142 -11.51 7.11 -20.35
CA GLN B 142 -12.38 7.64 -21.37
C GLN B 142 -12.08 6.98 -22.72
N LYS B 143 -11.57 5.76 -22.68
CA LYS B 143 -11.25 5.02 -23.89
C LYS B 143 -11.78 3.60 -23.71
N LEU B 144 -12.31 3.35 -22.52
CA LEU B 144 -12.90 2.07 -22.15
C LEU B 144 -14.39 2.34 -21.94
N GLY B 145 -14.82 3.56 -22.26
CA GLY B 145 -16.22 3.91 -22.12
C GLY B 145 -16.55 4.86 -20.98
N LEU B 146 -15.76 4.86 -19.92
CA LEU B 146 -16.04 5.73 -18.79
C LEU B 146 -16.00 7.22 -19.09
N HIS B 147 -17.19 7.79 -19.25
CA HIS B 147 -17.36 9.21 -19.52
C HIS B 147 -17.29 9.89 -18.15
N HIS B 148 -16.50 10.95 -18.05
CA HIS B 148 -16.34 11.67 -16.78
C HIS B 148 -16.00 10.76 -15.59
N PRO B 149 -14.81 10.15 -15.62
CA PRO B 149 -14.35 9.24 -14.56
C PRO B 149 -13.87 9.97 -13.31
N LYS B 150 -14.03 9.34 -12.16
CA LYS B 150 -13.60 9.89 -10.87
C LYS B 150 -12.18 9.43 -10.57
N ILE B 151 -11.28 10.40 -10.41
CA ILE B 151 -9.87 10.15 -10.14
C ILE B 151 -9.47 10.66 -8.77
N ALA B 152 -9.21 9.74 -7.85
CA ALA B 152 -8.85 10.09 -6.48
C ALA B 152 -7.35 10.13 -6.25
N LEU B 153 -6.89 11.22 -5.67
CA LEU B 153 -5.48 11.38 -5.38
C LEU B 153 -5.24 10.83 -3.96
N LEU B 154 -4.64 9.64 -3.90
CA LEU B 154 -4.36 8.96 -2.63
C LEU B 154 -3.38 9.64 -1.69
N SER B 155 -3.71 9.63 -0.42
CA SER B 155 -2.86 10.20 0.62
C SER B 155 -3.31 9.69 1.98
N ALA B 156 -2.32 9.52 2.87
CA ALA B 156 -2.58 9.05 4.22
C ALA B 156 -2.91 10.24 5.12
N ALA B 157 -2.85 11.44 4.54
CA ALA B 157 -3.15 12.66 5.27
C ALA B 157 -4.65 12.65 5.63
N ASN B 159 -7.52 14.89 5.45
CA ASN B 159 -7.73 16.08 6.26
C ASN B 159 -6.71 17.18 5.87
N PHE B 160 -5.77 16.81 5.02
CA PHE B 160 -4.72 17.70 4.55
C PHE B 160 -3.77 18.14 5.66
N ASN B 161 -2.50 17.80 5.50
CA ASN B 161 -1.48 18.14 6.48
C ASN B 161 -0.25 18.60 5.70
N PRO B 162 0.02 19.92 5.71
CA PRO B 162 1.18 20.49 4.99
C PRO B 162 2.51 19.79 5.21
N LYS B 163 2.63 19.04 6.30
CA LYS B 163 3.88 18.31 6.60
C LYS B 163 3.94 17.00 5.82
N MET B 164 2.84 16.67 5.15
CA MET B 164 2.74 15.45 4.38
C MET B 164 2.83 15.75 2.88
N PRO B 165 3.95 15.35 2.23
CA PRO B 165 4.14 15.58 0.80
C PRO B 165 2.96 15.15 -0.08
N SER B 166 2.50 13.90 0.09
CA SER B 166 1.37 13.42 -0.70
C SER B 166 0.14 14.30 -0.50
N SER B 167 0.03 14.91 0.68
CA SER B 167 -1.11 15.77 0.97
C SER B 167 -0.95 17.08 0.19
N VAL B 168 0.27 17.62 0.17
CA VAL B 168 0.55 18.85 -0.56
C VAL B 168 0.35 18.62 -2.05
N LEU B 169 0.97 17.56 -2.55
CA LEU B 169 0.89 17.18 -3.96
C LEU B 169 -0.56 17.01 -4.38
N ALA B 170 -1.36 16.38 -3.52
CA ALA B 170 -2.76 16.13 -3.81
C ALA B 170 -3.58 17.43 -3.91
N LYS B 171 -3.42 18.31 -2.93
CA LYS B 171 -4.14 19.59 -2.93
C LYS B 171 -3.73 20.40 -4.16
N GLU B 172 -2.48 20.26 -4.58
CA GLU B 172 -1.99 20.99 -5.74
C GLU B 172 -2.58 20.46 -7.04
N VAL B 173 -2.52 19.14 -7.23
CA VAL B 173 -3.04 18.55 -8.46
C VAL B 173 -4.57 18.75 -8.57
N THR B 174 -5.21 18.88 -7.42
CA THR B 174 -6.65 19.08 -7.39
C THR B 174 -7.02 20.48 -7.92
N ALA B 175 -6.28 21.49 -7.46
CA ALA B 175 -6.49 22.86 -7.87
C ALA B 175 -6.33 22.99 -9.37
N HIS B 176 -5.39 22.23 -9.92
CA HIS B 176 -5.13 22.26 -11.35
C HIS B 176 -6.29 21.79 -12.22
N PHE B 177 -6.86 20.63 -11.89
CA PHE B 177 -7.95 20.10 -12.70
C PHE B 177 -9.34 20.62 -12.34
N ASN B 178 -9.38 21.65 -11.50
CA ASN B 178 -10.65 22.24 -11.11
C ASN B 178 -11.20 23.11 -12.25
N ASP B 179 -11.19 22.59 -13.47
CA ASP B 179 -11.67 23.34 -14.64
C ASP B 179 -12.18 22.45 -15.76
N GLN B 180 -11.30 21.57 -16.23
CA GLN B 180 -11.59 20.66 -17.34
C GLN B 180 -13.03 20.15 -17.45
N GLN B 181 -13.65 19.81 -16.32
CA GLN B 181 -15.03 19.31 -16.33
C GLN B 181 -15.13 17.96 -17.06
N GLU B 182 -14.01 17.48 -17.59
CA GLU B 182 -13.98 16.20 -18.29
C GLU B 182 -13.95 15.03 -17.31
N ALA B 183 -13.47 15.28 -16.11
CA ALA B 183 -13.38 14.22 -15.09
C ALA B 183 -13.41 14.82 -13.69
N THR B 184 -13.63 14.00 -12.68
CA THR B 184 -13.63 14.49 -11.29
C THR B 184 -12.31 14.06 -10.64
N VAL B 185 -11.43 15.02 -10.38
CA VAL B 185 -10.12 14.75 -9.76
C VAL B 185 -10.05 15.36 -8.35
N PHE B 186 -9.94 14.53 -7.32
CA PHE B 186 -9.87 15.04 -5.94
C PHE B 186 -8.93 14.30 -4.99
N GLY B 187 -8.35 15.07 -4.08
CA GLY B 187 -7.44 14.52 -3.08
C GLY B 187 -7.04 15.65 -2.14
N PRO B 188 -6.46 15.35 -0.97
CA PRO B 188 -6.12 14.03 -0.41
C PRO B 188 -7.32 13.15 -0.10
N LEU B 189 -7.19 11.86 -0.41
CA LEU B 189 -8.25 10.90 -0.16
C LEU B 189 -7.65 9.58 0.28
N SER B 190 -8.09 9.10 1.45
CA SER B 190 -7.58 7.83 1.96
C SER B 190 -8.17 6.68 1.14
N LEU B 191 -7.46 5.56 1.12
CA LEU B 191 -7.89 4.41 0.35
C LEU B 191 -9.35 3.99 0.58
N ASP B 192 -9.72 3.80 1.84
CA ASP B 192 -11.08 3.40 2.17
C ASP B 192 -12.10 4.42 1.66
N LEU B 193 -11.81 5.69 1.87
CA LEU B 193 -12.72 6.73 1.43
C LEU B 193 -12.82 6.85 -0.09
N ALA B 194 -11.96 6.17 -0.82
CA ALA B 194 -12.03 6.24 -2.28
C ALA B 194 -12.66 4.99 -2.88
N THR B 195 -12.58 3.87 -2.16
CA THR B 195 -13.11 2.60 -2.67
C THR B 195 -14.28 1.99 -1.93
N SER B 196 -14.50 2.41 -0.69
CA SER B 196 -15.61 1.84 0.06
C SER B 196 -16.68 2.83 0.44
N GLU B 197 -17.86 2.64 -0.13
CA GLU B 197 -19.00 3.50 0.16
C GLU B 197 -19.44 3.29 1.60
N GLU B 198 -19.11 2.13 2.16
CA GLU B 198 -19.46 1.84 3.55
C GLU B 198 -18.56 2.68 4.46
N ALA B 199 -17.30 2.82 4.09
CA ALA B 199 -16.38 3.64 4.89
C ALA B 199 -16.86 5.09 4.83
N VAL B 200 -17.47 5.46 3.71
CA VAL B 200 -17.95 6.81 3.55
C VAL B 200 -19.05 7.16 4.55
N ALA B 201 -19.94 6.22 4.80
CA ALA B 201 -21.04 6.45 5.76
C ALA B 201 -20.58 6.30 7.21
N HIS B 202 -19.84 5.23 7.47
CA HIS B 202 -19.35 4.97 8.82
C HIS B 202 -18.46 6.11 9.31
N LYS B 203 -18.04 6.98 8.38
CA LYS B 203 -17.19 8.11 8.73
C LYS B 203 -17.92 9.45 8.50
N ARG B 204 -19.18 9.38 8.10
CA ARG B 204 -20.00 10.57 7.86
C ARG B 204 -19.23 11.56 7.00
N TYR B 205 -18.58 11.04 5.96
CA TYR B 205 -17.79 11.86 5.06
C TYR B 205 -18.59 12.33 3.86
N SER B 206 -18.25 13.53 3.39
CA SER B 206 -18.90 14.11 2.23
C SER B 206 -17.84 14.79 1.37
N GLY B 207 -17.85 14.48 0.07
CA GLY B 207 -16.88 15.08 -0.82
C GLY B 207 -17.18 14.66 -2.24
N PRO B 208 -16.38 15.14 -3.21
CA PRO B 208 -16.54 14.84 -4.64
C PRO B 208 -16.58 13.34 -4.94
N ILE B 209 -15.68 12.60 -4.33
CA ILE B 209 -15.57 11.15 -4.53
C ILE B 209 -15.91 10.41 -3.24
N MET B 210 -17.01 9.68 -3.25
CA MET B 210 -17.40 8.93 -2.06
C MET B 210 -17.40 7.42 -2.24
N GLY B 211 -16.22 6.83 -2.06
CA GLY B 211 -16.03 5.41 -2.18
C GLY B 211 -16.40 4.83 -3.53
N ASP B 212 -16.38 5.65 -4.56
CA ASP B 212 -16.73 5.18 -5.89
C ASP B 212 -15.79 5.68 -6.98
N ALA B 213 -14.50 5.63 -6.71
CA ALA B 213 -13.50 6.08 -7.68
C ALA B 213 -13.28 5.03 -8.75
N ASP B 214 -12.97 5.48 -9.95
CA ASP B 214 -12.73 4.59 -11.07
C ASP B 214 -11.22 4.47 -11.25
N ILE B 215 -10.51 5.49 -10.82
CA ILE B 215 -9.07 5.49 -10.92
C ILE B 215 -8.42 5.93 -9.62
N LEU B 216 -7.36 5.23 -9.25
CA LEU B 216 -6.60 5.55 -8.05
C LEU B 216 -5.19 5.96 -8.49
N VAL B 217 -4.75 7.12 -8.02
CA VAL B 217 -3.43 7.65 -8.34
C VAL B 217 -2.57 7.73 -7.08
N VAL B 218 -1.44 7.04 -7.10
CA VAL B 218 -0.54 7.02 -5.97
C VAL B 218 0.49 8.14 -6.00
N PRO B 219 1.07 8.48 -4.84
CA PRO B 219 2.08 9.54 -4.73
C PRO B 219 3.44 9.11 -5.25
N THR B 220 3.77 7.83 -5.01
CA THR B 220 5.04 7.27 -5.42
C THR B 220 4.86 5.82 -5.88
N ILE B 221 5.89 5.25 -6.49
CA ILE B 221 5.79 3.86 -6.93
C ILE B 221 5.79 2.94 -5.71
N ASP B 222 6.39 3.39 -4.61
CA ASP B 222 6.40 2.57 -3.41
C ASP B 222 4.99 2.25 -2.95
N VAL B 223 4.12 3.25 -3.03
CA VAL B 223 2.73 3.10 -2.64
C VAL B 223 1.97 2.27 -3.68
N GLY B 224 2.17 2.59 -4.96
CA GLY B 224 1.50 1.85 -6.01
C GLY B 224 1.93 0.39 -6.05
N ASN B 225 3.23 0.16 -5.87
CA ASN B 225 3.73 -1.19 -5.92
C ASN B 225 3.18 -2.02 -4.78
N CYS B 226 3.15 -1.41 -3.61
CA CYS B 226 2.66 -2.07 -2.41
C CYS B 226 1.18 -2.43 -2.56
N LEU B 227 0.38 -1.44 -2.92
CA LEU B 227 -1.04 -1.64 -3.10
C LEU B 227 -1.27 -2.70 -4.18
N TYR B 228 -0.52 -2.59 -5.26
CA TYR B 228 -0.60 -3.54 -6.36
C TYR B 228 -0.39 -4.99 -5.88
N LYS B 229 0.69 -5.22 -5.14
CA LYS B 229 1.00 -6.55 -4.65
C LYS B 229 0.09 -7.07 -3.55
N SER B 230 -0.40 -6.19 -2.68
CA SER B 230 -1.28 -6.62 -1.62
C SER B 230 -2.63 -7.05 -2.20
N LEU B 231 -3.08 -6.38 -3.26
CA LEU B 231 -4.34 -6.74 -3.86
C LEU B 231 -4.22 -8.12 -4.48
N THR B 232 -3.04 -8.43 -4.98
CA THR B 232 -2.78 -9.70 -5.61
C THR B 232 -2.55 -10.84 -4.61
N LEU B 233 -1.65 -10.62 -3.66
CA LEU B 233 -1.33 -11.62 -2.66
C LEU B 233 -2.45 -11.99 -1.68
N PHE B 234 -3.07 -10.97 -1.09
CA PHE B 234 -4.13 -11.16 -0.09
C PHE B 234 -5.54 -10.77 -0.51
N GLY B 235 -5.65 -9.99 -1.56
CA GLY B 235 -6.96 -9.55 -2.04
C GLY B 235 -7.54 -10.47 -3.10
N HIS B 236 -6.69 -11.33 -3.67
CA HIS B 236 -7.11 -12.30 -4.68
C HIS B 236 -7.74 -11.62 -5.90
N ALA B 237 -7.11 -10.53 -6.32
CA ALA B 237 -7.57 -9.74 -7.46
C ALA B 237 -6.84 -10.07 -8.76
N LYS B 238 -7.54 -9.88 -9.87
CA LYS B 238 -6.96 -10.12 -11.19
C LYS B 238 -6.42 -8.76 -11.63
N VAL B 239 -5.20 -8.74 -12.12
CA VAL B 239 -4.59 -7.49 -12.56
C VAL B 239 -3.92 -7.58 -13.92
N GLY B 240 -3.94 -6.46 -14.63
CA GLY B 240 -3.33 -6.39 -15.95
C GLY B 240 -2.91 -4.94 -16.11
N GLY B 241 -1.75 -4.70 -16.71
CA GLY B 241 -1.31 -3.33 -16.88
C GLY B 241 -0.58 -3.10 -18.18
N THR B 242 -0.48 -1.82 -18.55
CA THR B 242 0.19 -1.42 -19.77
C THR B 242 0.90 -0.08 -19.57
N ILE B 243 1.84 0.25 -20.44
CA ILE B 243 2.55 1.53 -20.36
C ILE B 243 1.83 2.46 -21.36
N VAL B 244 1.44 3.64 -20.91
CA VAL B 244 0.77 4.59 -21.79
C VAL B 244 1.68 5.80 -22.05
N GLY B 245 1.24 6.70 -22.92
CA GLY B 245 2.07 7.86 -23.23
C GLY B 245 2.48 7.90 -24.70
N THR B 246 2.52 6.73 -25.33
CA THR B 246 2.88 6.66 -26.75
C THR B 246 1.60 6.54 -27.58
N LYS B 247 1.72 6.45 -28.90
CA LYS B 247 0.54 6.35 -29.76
C LYS B 247 -0.07 4.97 -29.74
N VAL B 248 0.44 4.09 -28.89
CA VAL B 248 -0.07 2.73 -28.77
C VAL B 248 0.20 2.06 -27.42
N PRO B 249 -0.75 1.26 -26.92
CA PRO B 249 -0.61 0.55 -25.64
C PRO B 249 0.63 -0.36 -25.67
N VAL B 250 1.48 -0.24 -24.66
CA VAL B 250 2.69 -1.06 -24.60
C VAL B 250 2.63 -2.01 -23.40
N VAL B 251 2.78 -3.29 -23.67
CA VAL B 251 2.75 -4.30 -22.61
C VAL B 251 4.16 -4.75 -22.23
N LEU B 252 4.58 -4.45 -21.00
CA LEU B 252 5.89 -4.85 -20.53
C LEU B 252 5.85 -6.24 -19.88
N THR B 253 6.53 -7.20 -20.49
CA THR B 253 6.56 -8.56 -19.96
C THR B 253 7.95 -8.97 -19.46
N SER B 254 7.99 -9.64 -18.30
CA SER B 254 9.25 -10.13 -17.71
C SER B 254 9.25 -11.66 -17.68
N ARG B 255 10.45 -12.25 -17.72
CA ARG B 255 10.57 -13.71 -17.70
C ARG B 255 9.89 -14.29 -16.46
N SER B 256 10.07 -13.63 -15.31
CA SER B 256 9.49 -14.07 -14.04
C SER B 256 7.98 -13.94 -13.96
N ASP B 257 7.41 -13.08 -14.80
CA ASP B 257 5.96 -12.88 -14.82
C ASP B 257 5.27 -14.11 -15.40
N SER B 258 4.10 -14.44 -14.85
CA SER B 258 3.35 -15.58 -15.33
C SER B 258 2.73 -15.21 -16.67
N THR B 259 2.36 -16.22 -17.43
CA THR B 259 1.73 -15.96 -18.72
C THR B 259 0.33 -15.40 -18.49
N GLU B 260 -0.37 -15.95 -17.49
CA GLU B 260 -1.73 -15.50 -17.17
C GLU B 260 -1.78 -14.03 -16.77
N SER B 261 -0.66 -13.52 -16.23
CA SER B 261 -0.61 -12.12 -15.82
C SER B 261 -0.37 -11.29 -17.07
N LYS B 262 0.62 -11.69 -17.86
CA LYS B 262 0.96 -10.98 -19.07
C LYS B 262 -0.16 -11.18 -20.09
N PHE B 263 -1.08 -12.08 -19.77
CA PHE B 263 -2.21 -12.33 -20.65
C PHE B 263 -3.27 -11.29 -20.34
N HIS B 264 -3.54 -11.09 -19.05
CA HIS B 264 -4.52 -10.10 -18.63
C HIS B 264 -4.08 -8.75 -19.18
N SER B 265 -2.77 -8.49 -19.13
CA SER B 265 -2.25 -7.22 -19.63
C SER B 265 -2.53 -7.12 -21.11
N LEU B 266 -2.38 -8.24 -21.81
CA LEU B 266 -2.65 -8.29 -23.24
C LEU B 266 -4.12 -7.96 -23.54
N ARG B 267 -5.04 -8.54 -22.78
CA ARG B 267 -6.46 -8.27 -23.00
C ARG B 267 -6.75 -6.83 -22.63
N PHE B 268 -6.06 -6.32 -21.63
CA PHE B 268 -6.25 -4.95 -21.19
C PHE B 268 -5.79 -4.03 -22.31
N ALA B 269 -4.69 -4.39 -22.94
CA ALA B 269 -4.16 -3.60 -24.04
C ALA B 269 -5.18 -3.66 -25.19
N MET B 270 -5.81 -4.82 -25.37
CA MET B 270 -6.80 -5.04 -26.41
C MET B 270 -8.07 -4.20 -26.19
N ARG B 271 -8.57 -4.16 -24.96
CA ARG B 271 -9.77 -3.38 -24.64
C ARG B 271 -9.53 -1.91 -24.94
N GLN B 272 -8.28 -1.48 -24.80
CA GLN B 272 -7.96 -0.07 -25.05
C GLN B 272 -7.94 0.23 -26.54
N VAL B 273 -7.80 -0.80 -27.36
CA VAL B 273 -7.79 -0.61 -28.80
C VAL B 273 -9.22 -0.43 -29.29
N HIS B 274 -10.16 -1.07 -28.58
CA HIS B 274 -11.59 -1.00 -28.90
C HIS B 274 -12.19 0.35 -28.47
P PO4 C . 2.51 -18.84 0.45
O1 PO4 C . 3.85 -18.58 -0.16
O2 PO4 C . 1.76 -17.52 0.59
O3 PO4 C . 1.71 -19.77 -0.45
O4 PO4 C . 2.69 -19.46 1.82
P PO4 D . -18.27 -1.16 -0.37
O1 PO4 D . -19.22 -2.21 -0.82
O2 PO4 D . -17.28 -0.89 -1.45
O3 PO4 D . -19.01 0.09 -0.07
O4 PO4 D . -17.55 -1.61 0.85
#